data_4TN2
#
_entry.id   4TN2
#
_cell.length_a   159.191
_cell.length_b   159.191
_cell.length_c   71.226
_cell.angle_alpha   90.000
_cell.angle_beta   90.000
_cell.angle_gamma   120.000
#
_symmetry.space_group_name_H-M   'P 65'
#
loop_
_entity.id
_entity.type
_entity.pdbx_description
1 polymer 'Genome polyprotein'
2 non-polymer '3-[(2R)-2-cyclohexyl-5-oxopyrrolidin-1-yl]-5-phenylthiophene-2-carboxylic acid'
3 water water
#
_entity_poly.entity_id   1
_entity_poly.type   'polypeptide(L)'
_entity_poly.pdbx_seq_one_letter_code
;ASYTWTGALITPCAAEESKLPINALSNSLLRHHNMVYATTSRSAGLRQKKVTFDRLQVLDDHYRDVLKEMKAKASTVKAK
LLSVEEACKLTPPHSAKSKFGYGAKDVRNLSSKAVNHIHSVWKDLLEDTVTPIDTTIMAKNEVFCVQPEKGGRKPARLIV
FPDLGVRVCEKMALYDVVSTLPQVVMGSSYGFQYSPGQRVEFLVNTWKSKKNPMGFSYDTRCFDSTVTENDIRVEESIYQ
CCDLAPEARQAIKSLTERLYIGGPLTNSKGQNCGYRRCRASGVLTTSCGNTLTCYLKASAACRAAKLQDCTMLVNGDDLV
VICESAGVQEDAASLRAFTEAMTRYSAPPGDPPQPEYDLELITSCSSNVSVAHDASGKRVYYLTRDPTTPLARAAWETAR
HTPVNSWLGNIIMYAPTLWARMILMTHFFSILLAQEQLEKALDCQIYGACYSIEPLDLPQIIERLHGLSAFSLHSYSPGE
INRVASCLRKLGVPPLRVWRHRARSVRARLLSQGGRAATCGKYLFNWAVKTKLKLFQGPAASQLDLSGWFVAGYSGGDIY
HSLSRARPRLEHHHHHH
;
_entity_poly.pdbx_strand_id   A
#
loop_
_chem_comp.id
_chem_comp.type
_chem_comp.name
_chem_comp.formula
33J non-polymer '3-[(2R)-2-cyclohexyl-5-oxopyrrolidin-1-yl]-5-phenylthiophene-2-carboxylic acid' 'C21 H23 N O3 S'
#
# COMPACT_ATOMS: atom_id res chain seq x y z
N ALA A 1 4.30 -21.75 -16.51
CA ALA A 1 4.26 -20.42 -17.15
C ALA A 1 3.29 -19.52 -16.40
N SER A 2 3.78 -18.33 -15.97
CA SER A 2 3.03 -17.35 -15.19
C SER A 2 1.72 -16.95 -15.89
N TYR A 3 1.76 -16.77 -17.21
CA TYR A 3 0.62 -16.46 -18.05
C TYR A 3 0.72 -17.09 -19.43
N THR A 4 -0.43 -17.36 -20.06
CA THR A 4 -0.59 -17.78 -21.46
C THR A 4 -1.64 -16.82 -22.02
N TRP A 5 -1.52 -16.44 -23.30
CA TRP A 5 -2.44 -15.48 -23.93
C TRP A 5 -3.12 -16.06 -25.18
N THR A 6 -4.38 -15.65 -25.43
CA THR A 6 -5.19 -16.12 -26.58
C THR A 6 -4.96 -15.23 -27.80
N GLY A 7 -4.50 -14.00 -27.55
CA GLY A 7 -4.26 -13.01 -28.59
C GLY A 7 -5.23 -11.85 -28.45
N ALA A 8 -6.41 -12.10 -27.80
CA ALA A 8 -7.43 -11.08 -27.50
C ALA A 8 -6.73 -9.93 -26.74
N LEU A 9 -7.14 -8.69 -27.00
CA LEU A 9 -6.54 -7.52 -26.37
C LEU A 9 -7.11 -7.25 -24.97
N ILE A 10 -6.29 -6.61 -24.11
CA ILE A 10 -6.73 -6.15 -22.79
C ILE A 10 -7.46 -4.85 -23.13
N THR A 11 -8.76 -4.86 -22.89
CA THR A 11 -9.62 -3.75 -23.31
C THR A 11 -10.03 -2.78 -22.20
N PRO A 12 -10.15 -1.46 -22.51
CA PRO A 12 -10.66 -0.52 -21.49
C PRO A 12 -12.18 -0.62 -21.38
N CYS A 13 -12.76 -0.33 -20.20
CA CYS A 13 -14.21 -0.37 -20.03
C CYS A 13 -14.84 1.04 -20.24
N ALA A 14 -13.99 2.07 -20.39
CA ALA A 14 -14.36 3.47 -20.63
C ALA A 14 -13.23 4.20 -21.34
N ALA A 15 -13.46 5.47 -21.70
CA ALA A 15 -12.45 6.31 -22.36
C ALA A 15 -11.36 6.58 -21.34
N GLU A 16 -10.12 6.39 -21.75
CA GLU A 16 -8.99 6.57 -20.85
C GLU A 16 -8.23 7.89 -21.09
N GLU A 17 -8.16 8.74 -20.03
CA GLU A 17 -7.40 10.00 -20.02
C GLU A 17 -5.93 9.60 -19.88
N SER A 18 -5.09 10.14 -20.75
CA SER A 18 -3.67 9.85 -20.82
C SER A 18 -2.83 11.05 -20.33
N LYS A 19 -3.27 12.28 -20.66
CA LYS A 19 -2.59 13.52 -20.30
C LYS A 19 -3.38 14.37 -19.31
N LEU A 20 -2.64 15.11 -18.47
CA LEU A 20 -3.15 15.99 -17.42
C LEU A 20 -4.07 17.10 -17.94
N PRO A 21 -5.32 17.21 -17.42
CA PRO A 21 -6.21 18.30 -17.89
C PRO A 21 -5.86 19.65 -17.23
N ILE A 22 -5.44 20.67 -18.03
CA ILE A 22 -5.09 22.01 -17.52
C ILE A 22 -6.30 22.67 -16.81
N ASN A 23 -6.03 23.29 -15.66
CA ASN A 23 -7.06 23.92 -14.83
C ASN A 23 -6.47 25.08 -14.03
N ALA A 24 -7.24 26.19 -13.93
CA ALA A 24 -6.85 27.39 -13.18
C ALA A 24 -7.07 27.07 -11.68
N LEU A 25 -6.19 26.20 -11.15
CA LEU A 25 -6.14 25.63 -9.80
C LEU A 25 -5.09 24.52 -9.82
N SER A 26 -4.98 23.83 -10.97
CA SER A 26 -3.99 22.77 -11.20
C SER A 26 -2.64 23.44 -11.46
N ASN A 27 -2.65 24.54 -12.25
CA ASN A 27 -1.48 25.34 -12.59
C ASN A 27 -0.86 26.06 -11.36
N SER A 28 -1.68 26.30 -10.29
CA SER A 28 -1.17 26.87 -9.03
C SER A 28 -0.30 25.85 -8.25
N LEU A 29 -0.50 24.54 -8.55
CA LEU A 29 0.29 23.43 -8.01
C LEU A 29 1.54 23.23 -8.89
N LEU A 30 1.37 22.96 -10.21
CA LEU A 30 2.50 22.78 -11.11
C LEU A 30 2.23 23.26 -12.53
N ARG A 31 3.20 24.05 -13.08
CA ARG A 31 3.17 24.63 -14.43
C ARG A 31 3.36 23.57 -15.54
N HIS A 32 4.43 22.75 -15.41
CA HIS A 32 4.86 21.75 -16.38
C HIS A 32 3.98 20.53 -16.46
N HIS A 33 2.71 20.72 -16.90
CA HIS A 33 1.68 19.67 -17.03
C HIS A 33 1.98 18.54 -18.08
N ASN A 34 3.00 18.74 -18.94
CA ASN A 34 3.44 17.81 -19.98
C ASN A 34 4.23 16.65 -19.39
N MET A 35 4.78 16.87 -18.19
CA MET A 35 5.54 15.91 -17.40
C MET A 35 4.60 14.88 -16.80
N VAL A 36 3.31 15.22 -16.66
CA VAL A 36 2.32 14.36 -16.02
C VAL A 36 1.51 13.57 -17.02
N TYR A 37 1.58 12.22 -16.93
CA TYR A 37 0.83 11.25 -17.74
C TYR A 37 0.07 10.24 -16.84
N ALA A 38 -0.83 9.47 -17.44
CA ALA A 38 -1.59 8.41 -16.80
C ALA A 38 -1.45 7.18 -17.67
N THR A 39 -1.28 5.99 -17.06
CA THR A 39 -1.13 4.77 -17.86
C THR A 39 -2.50 4.37 -18.42
N THR A 40 -2.50 3.71 -19.60
CA THR A 40 -3.70 3.27 -20.31
C THR A 40 -3.50 1.85 -20.84
N SER A 41 -4.60 1.20 -21.29
CA SER A 41 -4.64 -0.15 -21.89
C SER A 41 -3.77 -0.29 -23.16
N ARG A 42 -3.39 0.84 -23.77
CA ARG A 42 -2.55 0.89 -24.98
C ARG A 42 -1.11 0.40 -24.70
N SER A 43 -0.72 0.29 -23.42
CA SER A 43 0.61 -0.21 -23.04
C SER A 43 0.52 -1.58 -22.36
N ALA A 44 -0.68 -2.21 -22.36
CA ALA A 44 -0.87 -3.51 -21.73
C ALA A 44 0.04 -4.61 -22.32
N GLY A 45 0.25 -4.59 -23.64
CA GLY A 45 1.10 -5.51 -24.38
C GLY A 45 2.55 -5.48 -23.92
N LEU A 46 3.04 -4.27 -23.56
CA LEU A 46 4.39 -4.07 -23.06
C LEU A 46 4.55 -4.68 -21.67
N ARG A 47 3.48 -4.62 -20.84
CA ARG A 47 3.45 -5.21 -19.51
C ARG A 47 3.38 -6.75 -19.60
N GLN A 48 2.47 -7.27 -20.48
CA GLN A 48 2.28 -8.70 -20.77
C GLN A 48 3.59 -9.38 -21.14
N LYS A 49 4.43 -8.75 -21.96
CA LYS A 49 5.75 -9.33 -22.30
C LYS A 49 6.60 -9.51 -21.03
N LYS A 50 6.56 -8.52 -20.10
CA LYS A 50 7.37 -8.53 -18.88
C LYS A 50 6.93 -9.57 -17.87
N VAL A 51 5.62 -9.66 -17.64
CA VAL A 51 4.99 -10.54 -16.65
C VAL A 51 4.83 -12.00 -17.11
N THR A 52 5.19 -12.34 -18.37
CA THR A 52 5.03 -13.68 -18.96
C THR A 52 6.35 -14.44 -19.06
N PHE A 53 6.49 -15.52 -18.28
CA PHE A 53 7.72 -16.33 -18.25
C PHE A 53 7.57 -17.66 -17.50
N ASP A 54 8.52 -18.59 -17.73
CA ASP A 54 8.50 -19.84 -17.03
C ASP A 54 9.27 -19.65 -15.73
N ARG A 55 8.80 -20.29 -14.65
CA ARG A 55 9.44 -20.20 -13.35
C ARG A 55 10.30 -21.41 -13.10
N LEU A 56 11.43 -21.23 -12.42
CA LEU A 56 12.28 -22.32 -12.00
C LEU A 56 12.38 -22.13 -10.50
N GLN A 57 11.92 -23.14 -9.73
CA GLN A 57 11.86 -23.10 -8.27
C GLN A 57 12.46 -24.34 -7.62
N VAL A 58 13.56 -24.17 -6.85
CA VAL A 58 14.22 -25.26 -6.15
C VAL A 58 14.20 -24.99 -4.65
N LEU A 59 13.39 -25.77 -3.92
CA LEU A 59 13.20 -25.63 -2.49
C LEU A 59 14.16 -26.52 -1.74
N ASP A 60 14.64 -26.05 -0.58
CA ASP A 60 15.65 -26.77 0.18
C ASP A 60 15.35 -26.81 1.66
N ASP A 61 16.26 -27.37 2.45
CA ASP A 61 16.04 -27.51 3.87
C ASP A 61 15.90 -26.16 4.59
N HIS A 62 16.55 -25.08 4.13
CA HIS A 62 16.42 -23.75 4.69
C HIS A 62 15.00 -23.19 4.57
N TYR A 63 14.40 -23.36 3.37
CA TYR A 63 13.01 -22.96 3.03
C TYR A 63 12.04 -23.76 3.88
N ARG A 64 12.35 -25.05 4.07
CA ARG A 64 11.52 -26.00 4.82
C ARG A 64 11.58 -25.77 6.31
N ASP A 65 12.74 -25.37 6.85
CA ASP A 65 12.97 -25.07 8.26
C ASP A 65 12.16 -23.85 8.63
N VAL A 66 12.23 -22.81 7.78
CA VAL A 66 11.49 -21.57 7.96
C VAL A 66 9.99 -21.87 7.85
N LEU A 67 9.54 -22.55 6.78
CA LEU A 67 8.14 -22.92 6.62
C LEU A 67 7.53 -23.60 7.89
N LYS A 68 8.22 -24.60 8.44
CA LYS A 68 7.77 -25.33 9.63
C LYS A 68 7.61 -24.37 10.82
N GLU A 69 8.56 -23.43 11.01
CA GLU A 69 8.55 -22.43 12.06
C GLU A 69 7.36 -21.48 11.94
N MET A 70 7.01 -21.11 10.71
CA MET A 70 5.88 -20.25 10.35
C MET A 70 4.60 -20.98 10.62
N LYS A 71 4.56 -22.27 10.22
CA LYS A 71 3.40 -23.15 10.44
C LYS A 71 3.12 -23.33 11.92
N ALA A 72 4.18 -23.38 12.76
CA ALA A 72 4.05 -23.50 14.21
C ALA A 72 3.32 -22.29 14.77
N LYS A 73 3.77 -21.09 14.40
CA LYS A 73 3.17 -19.85 14.86
C LYS A 73 1.76 -19.66 14.34
N ALA A 74 1.47 -20.15 13.13
CA ALA A 74 0.15 -20.12 12.49
C ALA A 74 -0.85 -20.95 13.25
N SER A 75 -0.41 -22.09 13.85
CA SER A 75 -1.26 -23.00 14.64
C SER A 75 -1.87 -22.36 15.88
N THR A 76 -1.30 -21.21 16.37
CA THR A 76 -1.78 -20.48 17.57
C THR A 76 -2.86 -19.45 17.22
N VAL A 77 -3.34 -19.43 15.98
CA VAL A 77 -4.30 -18.42 15.53
C VAL A 77 -5.67 -19.05 15.33
N LYS A 78 -6.69 -18.46 15.96
CA LYS A 78 -8.07 -18.86 15.80
C LYS A 78 -8.72 -17.75 14.97
N ALA A 79 -9.34 -18.14 13.86
CA ALA A 79 -10.02 -17.21 12.97
C ALA A 79 -11.48 -17.63 12.75
N LYS A 80 -12.37 -16.64 12.75
CA LYS A 80 -13.80 -16.90 12.59
C LYS A 80 -14.31 -16.44 11.24
N LEU A 81 -15.35 -17.09 10.73
CA LEU A 81 -16.01 -16.68 9.49
C LEU A 81 -16.75 -15.35 9.76
N LEU A 82 -16.86 -14.51 8.75
CA LEU A 82 -17.66 -13.29 8.84
C LEU A 82 -19.07 -13.68 8.37
N SER A 83 -20.08 -12.92 8.83
CA SER A 83 -21.47 -13.13 8.39
C SER A 83 -21.59 -12.42 7.05
N VAL A 84 -22.50 -12.87 6.14
CA VAL A 84 -22.76 -12.20 4.86
C VAL A 84 -22.79 -10.67 5.08
N GLU A 85 -23.44 -10.21 6.19
CA GLU A 85 -23.59 -8.80 6.57
C GLU A 85 -22.29 -8.17 6.96
N GLU A 86 -21.46 -8.81 7.83
CA GLU A 86 -20.14 -8.29 8.22
C GLU A 86 -19.28 -8.06 6.97
N ALA A 87 -19.28 -9.04 6.03
CA ALA A 87 -18.54 -8.99 4.77
C ALA A 87 -19.09 -7.98 3.77
N CYS A 88 -20.40 -7.68 3.84
CA CYS A 88 -21.07 -6.72 2.94
C CYS A 88 -20.68 -5.31 3.35
N LYS A 89 -20.56 -5.08 4.65
CA LYS A 89 -20.17 -3.81 5.24
C LYS A 89 -18.68 -3.48 5.05
N LEU A 90 -17.89 -4.46 4.54
CA LEU A 90 -16.46 -4.29 4.28
C LEU A 90 -16.19 -3.96 2.82
N THR A 91 -17.26 -3.87 2.01
CA THR A 91 -17.18 -3.57 0.58
C THR A 91 -17.07 -2.05 0.35
N PRO A 92 -16.09 -1.56 -0.43
CA PRO A 92 -16.07 -0.12 -0.73
C PRO A 92 -17.33 0.28 -1.52
N PRO A 93 -17.94 1.47 -1.28
CA PRO A 93 -19.17 1.84 -2.01
C PRO A 93 -19.04 2.00 -3.53
N HIS A 94 -17.79 2.11 -4.03
CA HIS A 94 -17.51 2.29 -5.45
C HIS A 94 -16.75 1.09 -6.05
N SER A 95 -16.94 -0.07 -5.42
CA SER A 95 -16.38 -1.36 -5.83
C SER A 95 -17.15 -1.83 -7.06
N ALA A 96 -16.42 -2.41 -8.03
CA ALA A 96 -16.96 -2.94 -9.30
C ALA A 96 -18.25 -3.76 -9.12
N LYS A 97 -19.31 -3.42 -9.87
CA LYS A 97 -20.59 -4.11 -9.84
C LYS A 97 -20.46 -5.59 -10.25
N SER A 98 -21.35 -6.46 -9.74
CA SER A 98 -21.40 -7.86 -10.11
C SER A 98 -22.01 -7.98 -11.52
N LYS A 99 -21.63 -9.06 -12.24
CA LYS A 99 -22.13 -9.38 -13.59
C LYS A 99 -23.51 -10.06 -13.46
N PHE A 100 -23.97 -10.26 -12.20
CA PHE A 100 -25.22 -10.93 -11.85
C PHE A 100 -26.30 -9.95 -11.35
N GLY A 101 -26.31 -8.76 -11.96
CA GLY A 101 -27.30 -7.71 -11.75
C GLY A 101 -27.38 -6.96 -10.44
N TYR A 102 -26.25 -6.68 -9.79
CA TYR A 102 -26.21 -5.88 -8.55
C TYR A 102 -24.83 -5.27 -8.38
N GLY A 103 -24.72 -4.25 -7.54
CA GLY A 103 -23.47 -3.52 -7.32
C GLY A 103 -23.16 -3.29 -5.86
N ALA A 104 -22.05 -2.56 -5.58
CA ALA A 104 -21.56 -2.26 -4.23
C ALA A 104 -22.62 -1.68 -3.28
N LYS A 105 -23.47 -0.73 -3.77
CA LYS A 105 -24.53 -0.13 -2.96
C LYS A 105 -25.56 -1.17 -2.52
N ASP A 106 -25.94 -2.09 -3.43
CA ASP A 106 -26.87 -3.19 -3.21
C ASP A 106 -26.32 -4.20 -2.22
N VAL A 107 -24.99 -4.49 -2.31
CA VAL A 107 -24.25 -5.37 -1.38
C VAL A 107 -24.24 -4.68 0.02
N ARG A 108 -23.81 -3.40 0.08
CA ARG A 108 -23.73 -2.61 1.32
C ARG A 108 -25.09 -2.41 2.00
N ASN A 109 -26.21 -2.42 1.23
CA ASN A 109 -27.58 -2.25 1.76
C ASN A 109 -28.29 -3.58 2.11
N LEU A 110 -27.61 -4.70 1.83
CA LEU A 110 -28.05 -6.07 2.06
C LEU A 110 -29.28 -6.42 1.25
N SER A 111 -29.28 -6.03 -0.03
CA SER A 111 -30.40 -6.30 -0.94
C SER A 111 -30.52 -7.81 -1.14
N SER A 112 -31.77 -8.31 -1.18
CA SER A 112 -32.06 -9.72 -1.36
C SER A 112 -31.41 -10.26 -2.64
N LYS A 113 -31.35 -9.45 -3.72
CA LYS A 113 -30.71 -9.88 -4.97
C LYS A 113 -29.22 -10.17 -4.77
N ALA A 114 -28.50 -9.29 -4.02
CA ALA A 114 -27.09 -9.44 -3.72
C ALA A 114 -26.89 -10.62 -2.77
N VAL A 115 -27.44 -10.52 -1.54
CA VAL A 115 -27.35 -11.52 -0.47
C VAL A 115 -27.67 -12.95 -0.94
N ASN A 116 -28.73 -13.16 -1.72
CA ASN A 116 -29.09 -14.49 -2.20
C ASN A 116 -28.11 -15.03 -3.20
N HIS A 117 -27.50 -14.16 -4.02
CA HIS A 117 -26.46 -14.58 -4.96
C HIS A 117 -25.16 -14.88 -4.18
N ILE A 118 -24.86 -14.08 -3.13
CA ILE A 118 -23.71 -14.26 -2.25
C ILE A 118 -23.82 -15.64 -1.54
N HIS A 119 -25.04 -16.03 -1.11
CA HIS A 119 -25.29 -17.33 -0.49
C HIS A 119 -25.07 -18.47 -1.49
N SER A 120 -25.39 -18.24 -2.77
CA SER A 120 -25.23 -19.25 -3.81
C SER A 120 -23.77 -19.43 -4.22
N VAL A 121 -22.99 -18.31 -4.31
CA VAL A 121 -21.57 -18.37 -4.63
C VAL A 121 -20.87 -19.19 -3.53
N TRP A 122 -21.22 -18.91 -2.25
CA TRP A 122 -20.70 -19.61 -1.10
C TRP A 122 -21.02 -21.09 -1.12
N LYS A 123 -22.28 -21.47 -1.38
CA LYS A 123 -22.69 -22.88 -1.42
C LYS A 123 -21.95 -23.66 -2.50
N ASP A 124 -21.65 -23.01 -3.64
CA ASP A 124 -20.87 -23.59 -4.74
C ASP A 124 -19.41 -23.84 -4.36
N LEU A 125 -18.77 -22.90 -3.58
CA LEU A 125 -17.40 -23.03 -3.08
C LEU A 125 -17.30 -24.25 -2.17
N LEU A 126 -18.36 -24.52 -1.38
CA LEU A 126 -18.40 -25.68 -0.51
C LEU A 126 -18.64 -26.97 -1.29
N GLU A 127 -19.39 -26.92 -2.41
CA GLU A 127 -19.72 -28.14 -3.14
C GLU A 127 -18.80 -28.47 -4.31
N ASP A 128 -18.06 -27.48 -4.82
CA ASP A 128 -17.14 -27.65 -5.93
C ASP A 128 -15.81 -27.03 -5.49
N THR A 129 -14.75 -27.84 -5.37
CA THR A 129 -13.44 -27.34 -4.96
C THR A 129 -12.44 -27.41 -6.12
N VAL A 130 -12.96 -27.44 -7.40
CA VAL A 130 -12.13 -27.71 -8.58
C VAL A 130 -12.26 -26.71 -9.75
N THR A 131 -13.49 -26.41 -10.21
CA THR A 131 -13.70 -25.57 -11.39
C THR A 131 -13.09 -24.16 -11.29
N PRO A 132 -12.06 -23.81 -12.11
CA PRO A 132 -11.52 -22.44 -12.05
C PRO A 132 -12.63 -21.39 -12.13
N ILE A 133 -12.50 -20.37 -11.27
CA ILE A 133 -13.42 -19.24 -11.16
C ILE A 133 -12.96 -18.18 -12.16
N ASP A 134 -13.91 -17.47 -12.76
CA ASP A 134 -13.60 -16.43 -13.72
C ASP A 134 -13.06 -15.15 -13.03
N THR A 135 -12.09 -14.51 -13.73
CA THR A 135 -11.42 -13.26 -13.37
C THR A 135 -11.43 -12.27 -14.56
N THR A 136 -11.33 -10.97 -14.25
CA THR A 136 -11.27 -9.91 -15.24
C THR A 136 -9.87 -9.33 -15.25
N ILE A 137 -9.28 -9.19 -16.43
CA ILE A 137 -7.95 -8.58 -16.62
C ILE A 137 -8.16 -7.15 -17.12
N MET A 138 -7.57 -6.17 -16.42
CA MET A 138 -7.63 -4.74 -16.74
C MET A 138 -6.23 -4.15 -16.71
N ALA A 139 -6.09 -2.96 -17.27
CA ALA A 139 -4.85 -2.21 -17.22
C ALA A 139 -5.17 -1.07 -16.26
N LYS A 140 -4.32 -0.89 -15.21
CA LYS A 140 -4.49 0.16 -14.19
C LYS A 140 -4.23 1.52 -14.81
N ASN A 141 -5.03 2.51 -14.41
CA ASN A 141 -4.88 3.91 -14.83
C ASN A 141 -4.25 4.66 -13.63
N GLU A 142 -2.91 4.67 -13.62
CA GLU A 142 -2.14 5.30 -12.57
C GLU A 142 -1.35 6.45 -13.13
N VAL A 143 -1.34 7.56 -12.39
CA VAL A 143 -0.71 8.82 -12.76
C VAL A 143 0.76 8.87 -12.31
N PHE A 144 1.64 9.31 -13.22
CA PHE A 144 3.08 9.40 -12.96
C PHE A 144 3.68 10.62 -13.65
N CYS A 145 4.96 10.84 -13.38
CA CYS A 145 5.73 11.89 -14.02
C CYS A 145 6.73 11.22 -14.96
N VAL A 146 7.13 11.91 -16.05
CA VAL A 146 8.10 11.39 -17.03
C VAL A 146 9.52 11.45 -16.43
N GLN A 147 10.47 10.67 -16.99
CA GLN A 147 11.86 10.73 -16.52
C GLN A 147 12.84 10.90 -17.67
N ARG A 153 5.79 6.71 -20.68
CA ARG A 153 7.14 6.17 -20.50
C ARG A 153 7.22 4.90 -19.60
N LYS A 154 6.12 4.56 -18.91
CA LYS A 154 5.99 3.41 -18.02
C LYS A 154 4.72 2.63 -18.43
N PRO A 155 4.79 1.28 -18.65
CA PRO A 155 3.58 0.56 -19.08
C PRO A 155 2.59 0.28 -17.94
N ALA A 156 1.28 0.33 -18.29
CA ALA A 156 0.17 0.07 -17.37
C ALA A 156 0.35 -1.25 -16.61
N ARG A 157 0.26 -1.21 -15.28
CA ARG A 157 0.30 -2.41 -14.45
C ARG A 157 -1.06 -3.06 -14.63
N LEU A 158 -1.14 -4.38 -14.50
CA LEU A 158 -2.39 -5.10 -14.75
C LEU A 158 -3.09 -5.54 -13.47
N ILE A 159 -4.44 -5.50 -13.46
CA ILE A 159 -5.24 -5.92 -12.31
C ILE A 159 -6.17 -7.10 -12.71
N VAL A 160 -6.12 -8.18 -11.88
CA VAL A 160 -6.87 -9.44 -12.06
C VAL A 160 -7.77 -9.58 -10.82
N PHE A 161 -9.09 -9.73 -11.01
CA PHE A 161 -10.02 -9.82 -9.88
C PHE A 161 -11.28 -10.65 -10.19
N PRO A 162 -11.83 -11.37 -9.18
CA PRO A 162 -13.07 -12.11 -9.44
C PRO A 162 -14.29 -11.17 -9.30
N ASP A 163 -15.50 -11.69 -9.59
CA ASP A 163 -16.76 -10.97 -9.48
C ASP A 163 -17.05 -10.58 -8.02
N LEU A 164 -17.86 -9.52 -7.84
CA LEU A 164 -18.27 -8.99 -6.53
C LEU A 164 -18.83 -10.07 -5.57
N GLY A 165 -19.54 -11.05 -6.09
CA GLY A 165 -20.09 -12.14 -5.28
C GLY A 165 -19.00 -12.95 -4.59
N VAL A 166 -17.92 -13.26 -5.35
CA VAL A 166 -16.74 -14.04 -4.92
C VAL A 166 -15.96 -13.24 -3.93
N ARG A 167 -15.78 -11.94 -4.21
CA ARG A 167 -15.06 -10.99 -3.34
C ARG A 167 -15.62 -10.90 -1.91
N VAL A 168 -16.97 -10.92 -1.77
CA VAL A 168 -17.67 -10.93 -0.48
C VAL A 168 -17.42 -12.27 0.19
N CYS A 169 -17.39 -13.36 -0.61
CA CYS A 169 -17.15 -14.72 -0.13
C CYS A 169 -15.75 -14.90 0.36
N GLU A 170 -14.77 -14.21 -0.26
CA GLU A 170 -13.37 -14.18 0.14
C GLU A 170 -13.28 -13.58 1.53
N LYS A 171 -13.91 -12.40 1.75
CA LYS A 171 -14.00 -11.70 3.05
C LYS A 171 -14.53 -12.64 4.14
N MET A 172 -15.66 -13.35 3.87
CA MET A 172 -16.28 -14.29 4.79
C MET A 172 -15.26 -15.36 5.26
N ALA A 173 -14.65 -16.06 4.29
CA ALA A 173 -13.68 -17.13 4.50
C ALA A 173 -12.36 -16.72 5.15
N LEU A 174 -11.75 -15.58 4.68
CA LEU A 174 -10.40 -15.17 5.00
C LEU A 174 -10.14 -13.75 5.58
N TYR A 175 -11.17 -12.90 5.85
CA TYR A 175 -10.88 -11.56 6.41
C TYR A 175 -10.19 -11.65 7.77
N ASP A 176 -10.66 -12.55 8.65
CA ASP A 176 -10.06 -12.72 9.95
C ASP A 176 -8.66 -13.32 9.83
N VAL A 177 -8.41 -14.20 8.85
CA VAL A 177 -7.09 -14.79 8.68
C VAL A 177 -6.05 -13.73 8.25
N VAL A 178 -6.31 -13.00 7.15
CA VAL A 178 -5.43 -12.00 6.54
C VAL A 178 -5.21 -10.76 7.41
N SER A 179 -6.00 -10.62 8.49
CA SER A 179 -5.94 -9.50 9.45
C SER A 179 -5.15 -9.85 10.71
N THR A 180 -5.14 -11.16 11.06
CA THR A 180 -4.60 -11.70 12.29
C THR A 180 -3.31 -12.47 12.13
N LEU A 181 -3.28 -13.40 11.15
CA LEU A 181 -2.23 -14.36 10.90
C LEU A 181 -0.85 -13.78 10.63
N PRO A 182 -0.63 -12.87 9.64
CA PRO A 182 0.75 -12.42 9.35
C PRO A 182 1.58 -11.90 10.53
N GLN A 183 1.01 -11.09 11.45
CA GLN A 183 1.78 -10.54 12.59
C GLN A 183 2.17 -11.64 13.57
N VAL A 184 1.29 -12.66 13.75
CA VAL A 184 1.56 -13.78 14.64
C VAL A 184 2.74 -14.58 14.08
N VAL A 185 2.67 -14.92 12.80
CA VAL A 185 3.69 -15.69 12.09
C VAL A 185 5.02 -14.96 11.91
N MET A 186 4.95 -13.65 11.61
CA MET A 186 6.10 -12.84 11.25
C MET A 186 6.66 -11.95 12.34
N GLY A 187 5.89 -11.74 13.39
CA GLY A 187 6.29 -10.87 14.50
C GLY A 187 6.57 -9.46 14.07
N SER A 188 7.71 -8.94 14.52
CA SER A 188 8.21 -7.58 14.27
C SER A 188 8.58 -7.32 12.78
N SER A 189 8.80 -8.40 11.99
CA SER A 189 9.11 -8.33 10.55
C SER A 189 7.89 -7.96 9.68
N TYR A 190 6.67 -8.05 10.23
CA TYR A 190 5.46 -7.70 9.52
C TYR A 190 5.28 -6.17 9.51
N GLY A 191 5.53 -5.57 8.36
CA GLY A 191 5.51 -4.12 8.21
C GLY A 191 4.23 -3.35 8.42
N PHE A 192 3.10 -3.95 8.10
CA PHE A 192 1.82 -3.26 8.17
C PHE A 192 1.26 -3.04 9.58
N GLN A 193 1.90 -3.59 10.64
CA GLN A 193 1.50 -3.36 12.04
C GLN A 193 1.93 -1.97 12.49
N TYR A 194 2.88 -1.36 11.76
CA TYR A 194 3.47 -0.06 12.04
C TYR A 194 2.86 1.10 11.29
N SER A 195 2.74 2.25 11.98
CA SER A 195 2.37 3.54 11.40
C SER A 195 3.69 4.03 10.83
N PRO A 196 3.74 5.04 9.94
CA PRO A 196 5.07 5.50 9.46
C PRO A 196 6.11 5.68 10.57
N GLY A 197 5.72 6.35 11.66
CA GLY A 197 6.57 6.61 12.82
C GLY A 197 7.08 5.38 13.56
N GLN A 198 6.24 4.34 13.61
CA GLN A 198 6.57 3.07 14.24
C GLN A 198 7.53 2.29 13.36
N ARG A 199 7.38 2.42 12.01
CA ARG A 199 8.26 1.79 11.02
C ARG A 199 9.68 2.35 11.20
N VAL A 200 9.79 3.68 11.24
CA VAL A 200 11.02 4.46 11.43
C VAL A 200 11.70 4.08 12.75
N GLU A 201 10.90 3.97 13.85
CA GLU A 201 11.35 3.56 15.18
C GLU A 201 11.97 2.16 15.06
N PHE A 202 11.26 1.22 14.41
CA PHE A 202 11.77 -0.13 14.20
C PHE A 202 13.10 -0.12 13.39
N LEU A 203 13.17 0.67 12.31
CA LEU A 203 14.33 0.72 11.44
C LEU A 203 15.55 1.33 12.09
N VAL A 204 15.36 2.48 12.78
CA VAL A 204 16.39 3.21 13.52
C VAL A 204 16.92 2.37 14.69
N ASN A 205 16.02 1.75 15.48
CA ASN A 205 16.43 0.91 16.60
C ASN A 205 17.16 -0.35 16.12
N THR A 206 16.66 -0.96 15.05
CA THR A 206 17.32 -2.13 14.44
C THR A 206 18.73 -1.74 13.92
N TRP A 207 18.86 -0.60 13.23
CA TRP A 207 20.14 -0.10 12.74
C TRP A 207 21.13 0.09 13.92
N LYS A 208 20.70 0.81 14.98
CA LYS A 208 21.42 1.11 16.22
C LYS A 208 21.80 -0.13 17.05
N SER A 209 21.12 -1.28 16.84
CA SER A 209 21.31 -2.55 17.55
C SER A 209 22.50 -3.37 17.04
N LYS A 210 23.03 -3.02 15.85
CA LYS A 210 24.14 -3.70 15.20
C LYS A 210 25.44 -3.04 15.53
N LYS A 211 26.50 -3.85 15.77
CA LYS A 211 27.86 -3.35 16.06
C LYS A 211 28.35 -2.56 14.83
N ASN A 212 28.22 -3.18 13.64
CA ASN A 212 28.57 -2.59 12.36
C ASN A 212 27.39 -2.80 11.40
N PRO A 213 26.48 -1.82 11.33
CA PRO A 213 25.29 -2.00 10.47
C PRO A 213 25.53 -1.97 8.96
N MET A 214 24.83 -2.87 8.29
CA MET A 214 24.73 -2.99 6.84
C MET A 214 23.24 -3.21 6.57
N GLY A 215 22.75 -2.61 5.51
CA GLY A 215 21.36 -2.75 5.14
C GLY A 215 21.21 -2.87 3.64
N PHE A 216 20.08 -3.40 3.21
CA PHE A 216 19.76 -3.54 1.79
C PHE A 216 18.27 -3.76 1.59
N SER A 217 17.78 -3.30 0.43
CA SER A 217 16.45 -3.52 -0.10
C SER A 217 16.63 -4.54 -1.21
N TYR A 218 15.64 -5.41 -1.36
CA TYR A 218 15.57 -6.45 -2.39
C TYR A 218 14.34 -6.18 -3.22
N ASP A 219 14.55 -5.93 -4.51
CA ASP A 219 13.48 -5.71 -5.47
C ASP A 219 13.35 -6.98 -6.27
N THR A 220 12.23 -7.67 -6.12
CA THR A 220 11.90 -8.87 -6.89
C THR A 220 11.27 -8.36 -8.16
N ARG A 221 11.72 -8.87 -9.32
CA ARG A 221 11.23 -8.51 -10.65
C ARG A 221 9.88 -9.21 -10.85
N CYS A 222 8.79 -8.44 -10.96
CA CYS A 222 7.42 -8.93 -11.17
C CYS A 222 7.08 -9.99 -10.13
N PHE A 223 7.03 -9.61 -8.82
CA PHE A 223 6.81 -10.54 -7.69
C PHE A 223 5.59 -11.43 -7.91
N ASP A 224 4.47 -10.84 -8.36
CA ASP A 224 3.23 -11.57 -8.60
C ASP A 224 3.40 -12.67 -9.61
N SER A 225 4.23 -12.44 -10.64
CA SER A 225 4.57 -13.41 -11.69
C SER A 225 5.54 -14.48 -11.18
N THR A 226 6.42 -14.12 -10.21
CA THR A 226 7.37 -15.09 -9.64
C THR A 226 6.67 -16.05 -8.66
N VAL A 227 5.45 -15.70 -8.18
CA VAL A 227 4.67 -16.52 -7.25
C VAL A 227 4.12 -17.73 -8.04
N THR A 228 4.67 -18.93 -7.78
CA THR A 228 4.30 -20.17 -8.45
C THR A 228 3.06 -20.77 -7.78
N GLU A 229 2.42 -21.78 -8.43
CA GLU A 229 1.24 -22.45 -7.86
C GLU A 229 1.58 -23.15 -6.55
N ASN A 230 2.83 -23.67 -6.40
CA ASN A 230 3.25 -24.25 -5.10
C ASN A 230 3.24 -23.18 -4.02
N ASP A 231 3.70 -21.96 -4.33
CA ASP A 231 3.70 -20.81 -3.41
C ASP A 231 2.32 -20.54 -2.83
N ILE A 232 1.27 -20.57 -3.69
CA ILE A 232 -0.14 -20.36 -3.32
C ILE A 232 -0.69 -21.58 -2.50
N ARG A 233 -0.22 -22.79 -2.80
CA ARG A 233 -0.58 -24.00 -2.07
C ARG A 233 0.09 -24.01 -0.70
N VAL A 234 1.33 -23.46 -0.61
CA VAL A 234 2.12 -23.31 0.61
C VAL A 234 1.45 -22.27 1.50
N GLU A 235 0.95 -21.10 0.95
CA GLU A 235 0.22 -20.11 1.78
C GLU A 235 -1.05 -20.73 2.40
N GLU A 236 -1.83 -21.53 1.61
CA GLU A 236 -3.05 -22.20 2.06
C GLU A 236 -2.72 -23.17 3.18
N SER A 237 -1.60 -23.92 3.05
CA SER A 237 -1.18 -24.83 4.13
C SER A 237 -0.85 -24.05 5.40
N ILE A 238 -0.43 -22.76 5.28
CA ILE A 238 -0.20 -21.91 6.44
C ILE A 238 -1.59 -21.51 7.00
N TYR A 239 -2.52 -21.10 6.12
CA TYR A 239 -3.88 -20.72 6.54
C TYR A 239 -4.58 -21.88 7.26
N GLN A 240 -4.45 -23.15 6.74
CA GLN A 240 -5.01 -24.38 7.30
C GLN A 240 -4.39 -24.79 8.62
N CYS A 241 -3.30 -24.13 9.04
CA CYS A 241 -2.65 -24.41 10.32
C CYS A 241 -3.46 -23.76 11.44
N CYS A 242 -4.31 -22.78 11.10
CA CYS A 242 -5.13 -22.04 12.04
C CYS A 242 -6.26 -22.90 12.61
N ASP A 243 -6.81 -22.46 13.73
CA ASP A 243 -7.97 -23.08 14.30
C ASP A 243 -9.14 -22.44 13.57
N LEU A 244 -9.69 -23.18 12.58
CA LEU A 244 -10.81 -22.74 11.73
C LEU A 244 -11.95 -23.76 11.75
N ALA A 245 -13.18 -23.28 11.51
CA ALA A 245 -14.39 -24.12 11.43
C ALA A 245 -14.32 -24.94 10.14
N PRO A 246 -14.84 -26.19 10.14
CA PRO A 246 -14.80 -27.00 8.91
C PRO A 246 -15.34 -26.31 7.65
N GLU A 247 -16.27 -25.35 7.79
CA GLU A 247 -16.82 -24.61 6.65
C GLU A 247 -15.79 -23.63 6.06
N ALA A 248 -14.97 -23.00 6.92
CA ALA A 248 -13.92 -22.06 6.53
C ALA A 248 -12.81 -22.81 5.81
N ARG A 249 -12.42 -23.98 6.35
CA ARG A 249 -11.43 -24.87 5.76
C ARG A 249 -11.78 -25.26 4.30
N GLN A 250 -13.03 -25.64 4.06
CA GLN A 250 -13.56 -26.04 2.76
C GLN A 250 -13.55 -24.84 1.79
N ALA A 251 -14.07 -23.68 2.22
CA ALA A 251 -14.12 -22.45 1.44
C ALA A 251 -12.70 -21.95 1.11
N ILE A 252 -11.75 -22.09 2.07
CA ILE A 252 -10.34 -21.73 1.86
C ILE A 252 -9.69 -22.66 0.83
N LYS A 253 -9.89 -24.00 0.93
CA LYS A 253 -9.36 -24.99 -0.02
C LYS A 253 -9.84 -24.67 -1.42
N SER A 254 -11.16 -24.45 -1.53
CA SER A 254 -11.89 -24.15 -2.75
C SER A 254 -11.40 -22.87 -3.39
N LEU A 255 -11.39 -21.73 -2.61
CA LEU A 255 -10.90 -20.44 -3.09
C LEU A 255 -9.48 -20.54 -3.61
N THR A 256 -8.66 -21.42 -3.01
CA THR A 256 -7.28 -21.69 -3.42
C THR A 256 -7.17 -22.35 -4.82
N GLU A 257 -7.77 -23.52 -5.00
CA GLU A 257 -7.68 -24.30 -6.23
C GLU A 257 -8.47 -23.70 -7.37
N ARG A 258 -9.56 -23.01 -7.02
CA ARG A 258 -10.42 -22.44 -8.04
C ARG A 258 -10.06 -21.02 -8.42
N LEU A 259 -9.37 -20.29 -7.54
CA LEU A 259 -9.09 -18.89 -7.77
C LEU A 259 -7.65 -18.47 -7.52
N TYR A 260 -7.10 -18.78 -6.33
CA TYR A 260 -5.79 -18.22 -6.04
C TYR A 260 -4.66 -18.84 -6.84
N ILE A 261 -4.67 -20.18 -7.11
CA ILE A 261 -3.59 -20.83 -7.91
C ILE A 261 -3.61 -20.35 -9.40
N GLY A 262 -4.78 -19.96 -9.89
CA GLY A 262 -4.98 -19.50 -11.27
C GLY A 262 -6.40 -19.55 -11.80
N GLY A 263 -6.53 -19.36 -13.09
CA GLY A 263 -7.83 -19.39 -13.74
C GLY A 263 -7.90 -18.59 -15.02
N PRO A 264 -9.04 -18.65 -15.74
CA PRO A 264 -9.15 -17.91 -17.01
C PRO A 264 -9.21 -16.39 -16.84
N LEU A 265 -8.59 -15.65 -17.78
CA LEU A 265 -8.60 -14.19 -17.86
C LEU A 265 -9.60 -13.72 -18.93
N THR A 266 -10.55 -12.87 -18.54
CA THR A 266 -11.61 -12.37 -19.42
C THR A 266 -11.45 -10.87 -19.49
N ASN A 267 -11.43 -10.28 -20.71
CA ASN A 267 -11.33 -8.82 -20.81
C ASN A 267 -12.67 -8.14 -20.53
N SER A 268 -12.73 -6.79 -20.59
CA SER A 268 -13.97 -6.04 -20.35
C SER A 268 -15.13 -6.36 -21.32
N LYS A 269 -14.81 -6.81 -22.57
CA LYS A 269 -15.85 -7.15 -23.56
C LYS A 269 -16.13 -8.65 -23.62
N GLY A 270 -15.89 -9.36 -22.50
CA GLY A 270 -16.17 -10.78 -22.33
C GLY A 270 -15.31 -11.78 -23.08
N GLN A 271 -14.30 -11.33 -23.84
CA GLN A 271 -13.42 -12.23 -24.59
C GLN A 271 -12.39 -12.91 -23.66
N ASN A 272 -12.05 -14.18 -23.93
CA ASN A 272 -11.06 -14.92 -23.17
C ASN A 272 -9.69 -14.41 -23.61
N CYS A 273 -8.91 -13.86 -22.66
CA CYS A 273 -7.56 -13.29 -22.84
C CYS A 273 -6.46 -14.29 -22.73
N GLY A 274 -6.66 -15.26 -21.85
CA GLY A 274 -5.68 -16.29 -21.54
C GLY A 274 -5.88 -16.92 -20.18
N TYR A 275 -4.82 -17.49 -19.61
CA TYR A 275 -4.84 -18.21 -18.32
C TYR A 275 -3.71 -17.73 -17.42
N ARG A 276 -4.02 -17.52 -16.13
CA ARG A 276 -3.09 -17.10 -15.08
C ARG A 276 -2.66 -18.31 -14.22
N ARG A 277 -1.35 -18.45 -13.92
CA ARG A 277 -0.86 -19.53 -13.05
C ARG A 277 0.10 -18.94 -11.98
N CYS A 278 -0.27 -17.76 -11.49
CA CYS A 278 0.48 -16.98 -10.52
C CYS A 278 -0.49 -16.11 -9.72
N ARG A 279 0.05 -15.21 -8.89
CA ARG A 279 -0.73 -14.31 -8.05
C ARG A 279 -1.62 -13.34 -8.82
N ALA A 280 -2.91 -13.32 -8.40
CA ALA A 280 -3.95 -12.38 -8.82
C ALA A 280 -3.69 -11.14 -7.96
N SER A 281 -3.62 -9.97 -8.58
CA SER A 281 -3.35 -8.75 -7.81
C SER A 281 -4.53 -8.21 -7.02
N GLY A 282 -5.74 -8.59 -7.43
CA GLY A 282 -6.98 -8.12 -6.85
C GLY A 282 -7.85 -9.14 -6.18
N VAL A 283 -7.27 -9.85 -5.22
CA VAL A 283 -7.93 -10.85 -4.37
C VAL A 283 -7.57 -10.45 -2.93
N LEU A 284 -8.41 -10.83 -1.96
CA LEU A 284 -8.20 -10.54 -0.54
C LEU A 284 -6.81 -10.91 -0.02
N THR A 285 -6.28 -12.07 -0.46
CA THR A 285 -5.03 -12.66 -0.03
C THR A 285 -3.78 -12.18 -0.78
N THR A 286 -3.89 -11.15 -1.66
CA THR A 286 -2.70 -10.65 -2.37
C THR A 286 -1.64 -10.17 -1.39
N SER A 287 -1.98 -9.24 -0.47
CA SER A 287 -1.08 -8.67 0.52
C SER A 287 -0.50 -9.75 1.45
N CYS A 288 -1.39 -10.46 2.20
CA CYS A 288 -1.04 -11.52 3.16
C CYS A 288 -0.14 -12.60 2.51
N GLY A 289 -0.60 -13.16 1.39
CA GLY A 289 0.09 -14.16 0.61
C GLY A 289 1.47 -13.70 0.19
N ASN A 290 1.56 -12.48 -0.38
CA ASN A 290 2.84 -11.93 -0.84
C ASN A 290 3.80 -11.67 0.32
N THR A 291 3.27 -11.20 1.46
CA THR A 291 4.04 -10.91 2.68
C THR A 291 4.60 -12.21 3.21
N LEU A 292 3.76 -13.25 3.34
CA LEU A 292 4.15 -14.56 3.85
C LEU A 292 5.22 -15.16 2.95
N THR A 293 4.97 -15.22 1.63
CA THR A 293 5.85 -15.75 0.58
C THR A 293 7.22 -15.02 0.52
N CYS A 294 7.21 -13.67 0.50
CA CYS A 294 8.41 -12.86 0.50
C CYS A 294 9.24 -13.11 1.78
N TYR A 295 8.60 -13.05 2.97
CA TYR A 295 9.22 -13.29 4.27
C TYR A 295 9.82 -14.69 4.29
N LEU A 296 9.09 -15.70 3.75
CA LEU A 296 9.51 -17.11 3.72
C LEU A 296 10.76 -17.27 2.91
N LYS A 297 10.75 -16.77 1.66
CA LYS A 297 11.87 -16.84 0.72
C LYS A 297 13.09 -16.08 1.24
N ALA A 298 12.89 -14.81 1.71
CA ALA A 298 13.92 -13.94 2.26
C ALA A 298 14.56 -14.51 3.51
N SER A 299 13.76 -15.08 4.45
CA SER A 299 14.28 -15.66 5.71
C SER A 299 15.18 -16.87 5.51
N ALA A 300 14.82 -17.73 4.55
CA ALA A 300 15.53 -18.93 4.13
C ALA A 300 16.83 -18.59 3.36
N ALA A 301 16.79 -17.51 2.52
CA ALA A 301 17.92 -16.99 1.73
C ALA A 301 18.93 -16.41 2.68
N CYS A 302 18.47 -15.76 3.79
CA CYS A 302 19.31 -15.21 4.85
C CYS A 302 20.18 -16.29 5.46
N ARG A 303 19.61 -17.50 5.61
CA ARG A 303 20.30 -18.65 6.16
C ARG A 303 21.26 -19.26 5.14
N ALA A 304 20.82 -19.37 3.87
CA ALA A 304 21.63 -19.88 2.76
C ALA A 304 22.85 -18.97 2.53
N ALA A 305 22.64 -17.63 2.58
CA ALA A 305 23.67 -16.60 2.41
C ALA A 305 24.60 -16.49 3.64
N LYS A 306 24.18 -17.08 4.79
CA LYS A 306 24.83 -17.07 6.09
C LYS A 306 25.02 -15.61 6.57
N LEU A 307 23.96 -14.77 6.40
CA LEU A 307 23.97 -13.37 6.84
C LEU A 307 23.98 -13.34 8.34
N GLN A 308 24.82 -12.46 8.94
CA GLN A 308 24.95 -12.39 10.40
C GLN A 308 23.90 -11.49 10.99
N ASP A 309 23.23 -11.98 12.06
CA ASP A 309 22.19 -11.30 12.84
C ASP A 309 21.34 -10.40 11.93
N CYS A 310 20.58 -11.01 11.02
CA CYS A 310 19.78 -10.19 10.11
C CYS A 310 18.35 -10.03 10.57
N THR A 311 17.83 -8.85 10.33
CA THR A 311 16.48 -8.45 10.68
C THR A 311 15.84 -8.01 9.42
N MET A 312 14.66 -8.54 9.09
CA MET A 312 13.97 -8.07 7.90
C MET A 312 12.62 -7.44 8.21
N LEU A 313 12.16 -6.58 7.30
CA LEU A 313 10.88 -5.86 7.40
C LEU A 313 10.16 -6.05 6.07
N VAL A 314 9.06 -6.81 6.08
CA VAL A 314 8.27 -7.17 4.89
C VAL A 314 6.88 -6.48 4.83
N ASN A 315 6.53 -5.94 3.63
CA ASN A 315 5.25 -5.30 3.31
C ASN A 315 4.92 -5.79 1.90
N GLY A 316 4.19 -6.89 1.79
CA GLY A 316 3.91 -7.52 0.51
C GLY A 316 5.18 -8.03 -0.14
N ASP A 317 5.42 -7.60 -1.38
CA ASP A 317 6.63 -7.95 -2.15
C ASP A 317 7.87 -7.16 -1.71
N ASP A 318 7.66 -6.04 -1.00
CA ASP A 318 8.69 -5.13 -0.53
C ASP A 318 9.44 -5.67 0.67
N LEU A 319 10.73 -5.89 0.50
CA LEU A 319 11.63 -6.39 1.54
C LEU A 319 12.83 -5.46 1.79
N VAL A 320 13.19 -5.28 3.08
CA VAL A 320 14.36 -4.55 3.56
C VAL A 320 15.04 -5.41 4.66
N VAL A 321 16.36 -5.67 4.54
CA VAL A 321 17.13 -6.50 5.49
C VAL A 321 18.26 -5.66 6.10
N ILE A 322 18.34 -5.61 7.44
CA ILE A 322 19.39 -4.93 8.19
C ILE A 322 20.18 -6.01 8.97
N CYS A 323 21.51 -6.07 8.76
CA CYS A 323 22.36 -7.07 9.42
C CYS A 323 23.73 -6.52 9.87
N GLU A 324 24.59 -7.43 10.40
CA GLU A 324 25.95 -7.15 10.85
C GLU A 324 26.91 -7.26 9.67
N SER A 325 27.51 -6.14 9.25
CA SER A 325 28.51 -6.05 8.17
C SER A 325 29.77 -6.82 8.54
N ALA A 326 30.34 -7.52 7.54
CA ALA A 326 31.55 -8.32 7.69
C ALA A 326 32.66 -7.75 6.78
N GLY A 327 32.51 -6.48 6.39
CA GLY A 327 33.42 -5.76 5.50
C GLY A 327 32.78 -5.65 4.14
N VAL A 328 33.15 -4.66 3.32
CA VAL A 328 32.53 -4.43 2.01
C VAL A 328 32.64 -5.65 1.06
N GLN A 329 33.80 -6.33 1.01
CA GLN A 329 34.09 -7.50 0.15
C GLN A 329 33.18 -8.69 0.52
N GLU A 330 33.14 -9.03 1.83
CA GLU A 330 32.32 -10.08 2.42
C GLU A 330 30.84 -9.83 2.26
N ASP A 331 30.40 -8.54 2.36
CA ASP A 331 29.00 -8.12 2.20
C ASP A 331 28.48 -8.26 0.79
N ALA A 332 29.32 -7.93 -0.22
CA ALA A 332 29.01 -8.08 -1.65
C ALA A 332 28.82 -9.59 -2.01
N ALA A 333 29.73 -10.46 -1.50
CA ALA A 333 29.70 -11.92 -1.68
C ALA A 333 28.49 -12.54 -0.97
N SER A 334 28.18 -12.09 0.28
CA SER A 334 27.01 -12.51 1.07
C SER A 334 25.70 -12.16 0.29
N LEU A 335 25.67 -10.99 -0.36
CA LEU A 335 24.51 -10.54 -1.13
C LEU A 335 24.29 -11.30 -2.43
N ARG A 336 25.38 -11.80 -3.03
CA ARG A 336 25.41 -12.67 -4.22
C ARG A 336 24.73 -13.99 -3.80
N ALA A 337 25.07 -14.50 -2.60
CA ALA A 337 24.56 -15.72 -2.00
C ALA A 337 23.05 -15.62 -1.71
N PHE A 338 22.61 -14.45 -1.21
CA PHE A 338 21.22 -14.17 -0.90
C PHE A 338 20.42 -14.06 -2.19
N THR A 339 20.96 -13.36 -3.21
CA THR A 339 20.32 -13.20 -4.53
C THR A 339 20.21 -14.57 -5.23
N GLU A 340 21.26 -15.41 -5.13
CA GLU A 340 21.30 -16.75 -5.73
C GLU A 340 20.23 -17.66 -5.14
N ALA A 341 20.05 -17.59 -3.78
CA ALA A 341 19.02 -18.32 -3.02
C ALA A 341 17.62 -17.85 -3.38
N MET A 342 17.40 -16.52 -3.44
CA MET A 342 16.11 -15.92 -3.80
C MET A 342 15.70 -16.34 -5.18
N THR A 343 16.65 -16.33 -6.15
CA THR A 343 16.48 -16.76 -7.54
C THR A 343 15.98 -18.23 -7.61
N ARG A 344 16.59 -19.10 -6.79
CA ARG A 344 16.25 -20.52 -6.70
C ARG A 344 14.83 -20.68 -6.19
N TYR A 345 14.42 -19.87 -5.20
CA TYR A 345 13.07 -19.86 -4.66
C TYR A 345 12.06 -19.22 -5.60
N SER A 346 12.50 -18.73 -6.77
CA SER A 346 11.64 -18.08 -7.77
C SER A 346 11.28 -16.67 -7.32
N ALA A 347 12.30 -15.89 -6.98
CA ALA A 347 12.18 -14.48 -6.59
C ALA A 347 13.47 -13.78 -7.07
N PRO A 348 13.77 -13.82 -8.41
CA PRO A 348 15.00 -13.18 -8.91
C PRO A 348 14.92 -11.67 -8.81
N PRO A 349 16.06 -10.95 -8.75
CA PRO A 349 15.99 -9.49 -8.62
C PRO A 349 15.56 -8.77 -9.88
N GLY A 350 14.99 -7.59 -9.66
CA GLY A 350 14.70 -6.62 -10.70
C GLY A 350 15.98 -5.82 -10.72
N ASP A 351 16.00 -4.74 -9.92
CA ASP A 351 17.22 -3.93 -9.72
C ASP A 351 18.11 -4.82 -8.81
N PRO A 352 19.36 -5.18 -9.17
CA PRO A 352 20.12 -6.08 -8.28
C PRO A 352 20.44 -5.44 -6.92
N PRO A 353 20.33 -6.19 -5.80
CA PRO A 353 20.64 -5.57 -4.50
C PRO A 353 22.13 -5.28 -4.32
N GLN A 354 22.44 -4.38 -3.37
CA GLN A 354 23.79 -3.95 -2.99
C GLN A 354 23.79 -3.52 -1.53
N PRO A 355 24.88 -3.80 -0.76
CA PRO A 355 24.94 -3.34 0.64
C PRO A 355 24.96 -1.82 0.70
N GLU A 356 24.51 -1.26 1.82
CA GLU A 356 24.45 0.18 2.06
C GLU A 356 24.77 0.40 3.52
N TYR A 357 25.50 1.51 3.81
CA TYR A 357 26.03 1.75 5.14
C TYR A 357 25.55 3.07 5.75
N ASP A 358 24.41 3.58 5.25
CA ASP A 358 23.74 4.79 5.74
C ASP A 358 22.26 4.56 5.53
N LEU A 359 21.49 4.43 6.62
CA LEU A 359 20.04 4.14 6.63
C LEU A 359 19.14 5.10 5.75
N GLU A 360 19.53 6.38 5.58
CA GLU A 360 18.79 7.34 4.77
C GLU A 360 18.80 6.97 3.31
N LEU A 361 19.87 6.26 2.88
CA LEU A 361 20.13 5.86 1.50
C LEU A 361 19.46 4.57 1.08
N ILE A 362 18.80 3.90 2.02
CA ILE A 362 18.06 2.65 1.80
C ILE A 362 16.60 3.01 1.59
N THR A 363 16.09 2.71 0.41
CA THR A 363 14.70 2.95 0.02
C THR A 363 13.96 1.60 0.11
N SER A 364 12.83 1.59 0.82
CA SER A 364 11.92 0.47 1.02
C SER A 364 10.54 1.06 1.17
N CYS A 365 9.58 0.53 0.41
CA CYS A 365 8.20 0.98 0.31
C CYS A 365 8.16 2.38 -0.28
N SER A 366 9.01 2.59 -1.31
CA SER A 366 9.21 3.85 -2.02
C SER A 366 9.70 5.00 -1.09
N SER A 367 9.99 4.64 0.19
CA SER A 367 10.31 5.49 1.34
C SER A 367 11.65 5.26 1.99
N ASN A 368 12.12 6.27 2.72
CA ASN A 368 13.35 6.22 3.52
C ASN A 368 13.19 7.05 4.79
N VAL A 369 13.96 6.68 5.80
CA VAL A 369 14.07 7.37 7.06
C VAL A 369 14.95 8.60 6.82
N SER A 370 14.49 9.79 7.24
CA SER A 370 15.32 10.99 7.16
C SER A 370 15.34 11.66 8.54
N VAL A 371 16.09 12.74 8.71
CA VAL A 371 16.20 13.40 10.03
C VAL A 371 15.87 14.90 9.91
N ALA A 372 15.19 15.42 10.94
CA ALA A 372 14.78 16.81 11.10
C ALA A 372 14.90 17.14 12.59
N HIS A 373 14.62 18.39 12.96
CA HIS A 373 14.74 18.86 14.33
C HIS A 373 13.42 19.40 14.76
N ASP A 374 13.07 19.20 16.03
CA ASP A 374 11.80 19.69 16.57
C ASP A 374 11.97 21.12 17.14
N ALA A 375 10.97 21.64 17.90
CA ALA A 375 10.99 22.97 18.49
C ALA A 375 12.11 23.14 19.54
N SER A 376 12.40 22.06 20.30
CA SER A 376 13.45 22.01 21.34
C SER A 376 14.87 21.76 20.74
N GLY A 377 14.94 21.54 19.42
CA GLY A 377 16.18 21.31 18.68
C GLY A 377 16.69 19.87 18.60
N LYS A 378 15.94 18.92 19.21
CA LYS A 378 16.23 17.49 19.24
C LYS A 378 16.05 16.82 17.85
N ARG A 379 16.90 15.81 17.56
CA ARG A 379 16.84 15.01 16.33
C ARG A 379 15.56 14.13 16.33
N VAL A 380 14.80 14.17 15.23
CA VAL A 380 13.54 13.44 15.04
C VAL A 380 13.61 12.69 13.70
N TYR A 381 13.56 11.34 13.75
CA TYR A 381 13.56 10.53 12.54
C TYR A 381 12.13 10.40 12.06
N TYR A 382 11.93 10.56 10.77
CA TYR A 382 10.61 10.49 10.16
C TYR A 382 10.75 9.80 8.82
N LEU A 383 9.62 9.34 8.28
CA LEU A 383 9.53 8.65 7.02
C LEU A 383 9.20 9.62 5.92
N THR A 384 9.98 9.57 4.86
CA THR A 384 9.79 10.41 3.70
C THR A 384 9.93 9.56 2.44
N ARG A 385 9.69 10.19 1.30
CA ARG A 385 9.81 9.61 -0.01
C ARG A 385 9.99 10.75 -1.02
N ASP A 386 10.37 10.40 -2.25
CA ASP A 386 10.49 11.37 -3.33
C ASP A 386 9.07 11.94 -3.60
N PRO A 387 8.90 13.27 -3.70
CA PRO A 387 7.53 13.80 -3.80
C PRO A 387 6.93 13.88 -5.20
N THR A 388 7.67 13.45 -6.24
CA THR A 388 7.26 13.53 -7.65
C THR A 388 5.90 12.92 -7.88
N THR A 389 5.75 11.59 -7.62
CA THR A 389 4.52 10.82 -7.81
C THR A 389 3.43 11.40 -6.92
N PRO A 390 3.63 11.58 -5.58
CA PRO A 390 2.59 12.25 -4.76
C PRO A 390 2.11 13.62 -5.29
N LEU A 391 3.02 14.45 -5.83
CA LEU A 391 2.68 15.77 -6.40
C LEU A 391 1.98 15.72 -7.75
N ALA A 392 2.37 14.78 -8.63
CA ALA A 392 1.78 14.58 -9.96
C ALA A 392 0.34 14.09 -9.80
N ARG A 393 0.11 13.17 -8.84
CA ARG A 393 -1.20 12.62 -8.51
C ARG A 393 -2.10 13.71 -7.93
N ALA A 394 -1.53 14.58 -7.09
CA ALA A 394 -2.24 15.70 -6.48
C ALA A 394 -2.71 16.70 -7.55
N ALA A 395 -1.85 16.96 -8.58
CA ALA A 395 -2.19 17.82 -9.72
C ALA A 395 -3.39 17.24 -10.49
N TRP A 396 -3.35 15.92 -10.78
CA TRP A 396 -4.44 15.20 -11.45
C TRP A 396 -5.74 15.24 -10.64
N GLU A 397 -5.66 15.10 -9.30
CA GLU A 397 -6.81 15.14 -8.40
C GLU A 397 -7.44 16.54 -8.26
N THR A 398 -6.65 17.61 -8.49
CA THR A 398 -7.12 19.01 -8.50
C THR A 398 -7.99 19.27 -9.78
N ALA A 399 -7.49 18.82 -10.92
CA ALA A 399 -8.09 18.98 -12.23
C ALA A 399 -9.29 18.07 -12.49
N ARG A 400 -9.12 16.75 -12.23
CA ARG A 400 -10.18 15.77 -12.44
C ARG A 400 -10.57 15.02 -11.17
N HIS A 401 -11.87 15.01 -10.88
CA HIS A 401 -12.50 14.33 -9.73
C HIS A 401 -12.17 12.85 -9.72
N THR A 402 -11.75 12.33 -8.55
CA THR A 402 -11.40 10.91 -8.34
C THR A 402 -12.16 10.31 -7.12
N PRO A 403 -12.49 8.99 -7.15
CA PRO A 403 -13.15 8.37 -5.98
C PRO A 403 -12.23 8.30 -4.75
N VAL A 404 -10.94 7.91 -4.94
CA VAL A 404 -9.95 7.84 -3.86
C VAL A 404 -8.93 8.97 -4.01
N ASN A 405 -8.81 9.80 -2.95
CA ASN A 405 -7.95 10.99 -2.89
C ASN A 405 -6.58 10.70 -2.29
N SER A 406 -5.61 10.34 -3.16
CA SER A 406 -4.22 10.05 -2.79
C SER A 406 -3.51 11.18 -1.99
N TRP A 407 -3.85 12.46 -2.27
CA TRP A 407 -3.28 13.63 -1.59
C TRP A 407 -3.49 13.59 -0.06
N LEU A 408 -4.67 13.11 0.39
CA LEU A 408 -5.07 12.96 1.80
C LEU A 408 -4.35 11.82 2.52
N GLY A 409 -4.18 10.68 1.82
CA GLY A 409 -3.46 9.51 2.32
C GLY A 409 -1.99 9.85 2.44
N ASN A 410 -1.46 10.69 1.50
CA ASN A 410 -0.07 11.17 1.51
C ASN A 410 0.14 12.16 2.65
N ILE A 411 -0.81 13.13 2.88
CA ILE A 411 -0.79 14.10 4.01
C ILE A 411 -0.78 13.32 5.35
N ILE A 412 -1.55 12.21 5.43
CA ILE A 412 -1.60 11.37 6.62
C ILE A 412 -0.27 10.62 6.84
N MET A 413 0.27 9.89 5.83
CA MET A 413 1.49 9.08 5.94
C MET A 413 2.79 9.87 5.97
N TYR A 414 2.81 11.00 5.28
CA TYR A 414 3.99 11.83 5.13
C TYR A 414 3.83 13.23 5.73
N ALA A 415 2.98 13.35 6.77
CA ALA A 415 2.69 14.58 7.48
C ALA A 415 3.95 15.30 8.02
N PRO A 416 5.02 14.63 8.56
CA PRO A 416 6.18 15.40 9.04
C PRO A 416 7.08 15.94 7.94
N THR A 417 6.87 15.51 6.69
CA THR A 417 7.71 15.89 5.56
C THR A 417 7.50 17.31 5.08
N LEU A 418 8.58 17.87 4.55
CA LEU A 418 8.70 19.20 4.01
C LEU A 418 7.69 19.46 2.91
N TRP A 419 7.56 18.50 1.99
CA TRP A 419 6.70 18.61 0.81
C TRP A 419 5.19 18.46 1.11
N ALA A 420 4.78 17.52 1.98
CA ALA A 420 3.36 17.35 2.32
C ALA A 420 2.80 18.57 3.06
N ARG A 421 3.58 19.12 4.00
CA ARG A 421 3.25 20.28 4.83
C ARG A 421 3.22 21.58 4.05
N MET A 422 4.23 21.83 3.22
CA MET A 422 4.34 23.07 2.46
C MET A 422 3.38 23.09 1.29
N ILE A 423 3.34 22.02 0.50
CA ILE A 423 2.54 21.98 -0.69
C ILE A 423 1.15 21.42 -0.46
N LEU A 424 1.01 20.09 -0.21
CA LEU A 424 -0.27 19.37 -0.12
C LEU A 424 -1.25 19.94 0.89
N MET A 425 -0.78 20.26 2.10
CA MET A 425 -1.66 20.81 3.12
C MET A 425 -2.21 22.18 2.70
N THR A 426 -1.30 23.09 2.26
CA THR A 426 -1.59 24.46 1.84
C THR A 426 -2.53 24.47 0.65
N HIS A 427 -2.20 23.67 -0.39
CA HIS A 427 -2.98 23.60 -1.62
C HIS A 427 -4.41 23.15 -1.41
N PHE A 428 -4.61 22.00 -0.75
CA PHE A 428 -5.92 21.41 -0.57
C PHE A 428 -6.75 22.04 0.54
N PHE A 429 -6.14 22.67 1.57
CA PHE A 429 -6.94 23.40 2.56
C PHE A 429 -7.47 24.69 1.90
N SER A 430 -6.65 25.33 1.05
CA SER A 430 -7.04 26.51 0.28
C SER A 430 -8.26 26.20 -0.62
N ILE A 431 -8.22 25.07 -1.37
CA ILE A 431 -9.29 24.62 -2.28
C ILE A 431 -10.55 24.31 -1.49
N LEU A 432 -10.43 23.51 -0.42
CA LEU A 432 -11.55 23.13 0.44
C LEU A 432 -12.25 24.34 1.09
N LEU A 433 -11.48 25.40 1.45
CA LEU A 433 -12.03 26.63 2.06
C LEU A 433 -12.90 27.34 1.03
N ALA A 434 -12.32 27.69 -0.14
CA ALA A 434 -12.98 28.35 -1.25
C ALA A 434 -14.24 27.60 -1.73
N GLN A 435 -14.19 26.24 -1.79
CA GLN A 435 -15.30 25.37 -2.21
C GLN A 435 -16.32 25.12 -1.10
N GLU A 436 -16.03 25.60 0.12
CA GLU A 436 -16.84 25.45 1.34
C GLU A 436 -17.10 23.97 1.66
N GLN A 437 -16.04 23.12 1.53
CA GLN A 437 -16.20 21.68 1.73
C GLN A 437 -15.21 21.05 2.73
N LEU A 438 -14.74 21.85 3.72
CA LEU A 438 -13.82 21.37 4.76
C LEU A 438 -14.48 20.29 5.60
N GLU A 439 -15.81 20.45 5.86
CA GLU A 439 -16.63 19.52 6.65
C GLU A 439 -16.83 18.14 5.96
N LYS A 440 -16.89 18.13 4.61
CA LYS A 440 -17.10 16.94 3.80
C LYS A 440 -15.98 15.90 3.92
N ALA A 441 -16.36 14.66 4.29
CA ALA A 441 -15.44 13.54 4.43
C ALA A 441 -15.00 13.06 3.06
N LEU A 442 -13.72 12.73 2.94
CA LEU A 442 -13.12 12.28 1.69
C LEU A 442 -12.64 10.83 1.79
N ASP A 443 -12.75 10.08 0.69
CA ASP A 443 -12.31 8.69 0.63
C ASP A 443 -10.85 8.61 0.21
N CYS A 444 -10.05 7.82 0.96
CA CYS A 444 -8.62 7.61 0.70
C CYS A 444 -8.16 6.24 1.19
N GLN A 445 -6.93 5.84 0.82
CA GLN A 445 -6.39 4.54 1.22
C GLN A 445 -5.22 4.61 2.18
N ILE A 446 -5.28 3.79 3.25
CA ILE A 446 -4.24 3.59 4.24
C ILE A 446 -3.95 2.09 4.17
N TYR A 447 -2.74 1.71 3.73
CA TYR A 447 -2.29 0.30 3.60
C TYR A 447 -3.26 -0.56 2.78
N GLY A 448 -3.78 0.00 1.70
CA GLY A 448 -4.72 -0.67 0.80
C GLY A 448 -6.20 -0.55 1.15
N ALA A 449 -6.55 -0.43 2.44
CA ALA A 449 -7.93 -0.28 2.89
C ALA A 449 -8.42 1.13 2.70
N CYS A 450 -9.70 1.26 2.31
CA CYS A 450 -10.38 2.52 2.05
C CYS A 450 -11.03 3.07 3.32
N TYR A 451 -10.84 4.38 3.56
CA TYR A 451 -11.38 5.09 4.72
C TYR A 451 -12.05 6.38 4.29
N SER A 452 -13.15 6.74 4.96
CA SER A 452 -13.87 8.00 4.74
C SER A 452 -13.43 8.93 5.87
N ILE A 453 -12.46 9.84 5.57
CA ILE A 453 -11.85 10.73 6.55
C ILE A 453 -12.29 12.21 6.37
N GLU A 454 -12.66 12.86 7.50
CA GLU A 454 -13.02 14.28 7.54
C GLU A 454 -11.70 15.11 7.63
N PRO A 455 -11.37 15.96 6.62
CA PRO A 455 -10.12 16.75 6.71
C PRO A 455 -9.92 17.61 7.98
N LEU A 456 -11.02 18.08 8.60
CA LEU A 456 -10.97 18.90 9.82
C LEU A 456 -10.40 18.16 11.05
N ASP A 457 -10.18 16.84 10.93
CA ASP A 457 -9.63 15.96 11.98
C ASP A 457 -8.15 15.67 11.81
N LEU A 458 -7.52 16.27 10.79
CA LEU A 458 -6.13 16.06 10.46
C LEU A 458 -5.15 16.45 11.58
N PRO A 459 -5.29 17.57 12.35
CA PRO A 459 -4.32 17.81 13.45
C PRO A 459 -4.31 16.69 14.49
N GLN A 460 -5.49 16.06 14.75
CA GLN A 460 -5.70 14.95 15.67
C GLN A 460 -5.09 13.64 15.17
N ILE A 461 -5.25 13.36 13.85
CA ILE A 461 -4.75 12.19 13.14
C ILE A 461 -3.23 12.27 13.15
N ILE A 462 -2.66 13.36 12.61
CA ILE A 462 -1.20 13.61 12.54
C ILE A 462 -0.55 13.50 13.92
N GLU A 463 -1.16 14.08 14.96
CA GLU A 463 -0.66 14.02 16.33
C GLU A 463 -0.58 12.60 16.90
N ARG A 464 -1.55 11.74 16.60
CA ARG A 464 -1.58 10.36 17.10
C ARG A 464 -0.61 9.44 16.44
N LEU A 465 -0.43 9.57 15.10
CA LEU A 465 0.47 8.75 14.33
C LEU A 465 1.92 9.24 14.30
N HIS A 466 2.11 10.58 14.42
CA HIS A 466 3.44 11.16 14.22
C HIS A 466 4.03 11.90 15.41
N GLY A 467 3.18 12.35 16.33
CA GLY A 467 3.62 13.11 17.49
C GLY A 467 3.48 14.61 17.26
N LEU A 468 3.54 15.37 18.37
CA LEU A 468 3.39 16.81 18.28
C LEU A 468 4.54 17.49 17.51
N SER A 469 5.70 16.80 17.37
CA SER A 469 6.88 17.27 16.63
C SER A 469 6.60 17.51 15.16
N ALA A 470 5.60 16.78 14.58
CA ALA A 470 5.16 16.83 13.18
C ALA A 470 4.71 18.20 12.71
N PHE A 471 4.46 19.11 13.68
CA PHE A 471 3.99 20.47 13.44
C PHE A 471 5.12 21.52 13.65
N SER A 472 6.30 21.06 14.12
CA SER A 472 7.44 21.91 14.45
C SER A 472 8.75 21.53 13.79
N LEU A 473 8.73 20.49 12.94
CA LEU A 473 9.93 20.01 12.27
C LEU A 473 10.53 21.08 11.36
N HIS A 474 11.83 21.28 11.51
CA HIS A 474 12.62 22.25 10.74
C HIS A 474 14.04 21.71 10.68
N SER A 475 14.95 22.37 9.91
CA SER A 475 16.35 21.97 9.79
C SER A 475 16.40 20.57 9.25
N TYR A 476 15.86 20.42 8.04
CA TYR A 476 15.79 19.13 7.36
C TYR A 476 17.16 18.84 6.76
N SER A 477 17.49 17.55 6.53
CA SER A 477 18.76 17.14 5.93
C SER A 477 18.97 17.81 4.53
N PRO A 478 20.22 18.09 4.06
CA PRO A 478 20.37 18.73 2.74
C PRO A 478 19.94 17.83 1.60
N GLY A 479 20.18 16.51 1.73
CA GLY A 479 19.77 15.49 0.78
C GLY A 479 18.27 15.47 0.56
N GLU A 480 17.48 15.69 1.65
CA GLU A 480 16.02 15.78 1.56
C GLU A 480 15.63 17.04 0.82
N ILE A 481 16.22 18.19 1.23
CA ILE A 481 15.98 19.52 0.64
C ILE A 481 16.28 19.47 -0.86
N ASN A 482 17.45 18.95 -1.25
CA ASN A 482 17.88 18.84 -2.66
C ASN A 482 16.96 18.01 -3.53
N ARG A 483 16.40 16.91 -2.97
CA ARG A 483 15.44 16.05 -3.65
C ARG A 483 14.11 16.79 -3.85
N VAL A 484 13.64 17.52 -2.82
CA VAL A 484 12.37 18.28 -2.88
C VAL A 484 12.54 19.47 -3.83
N ALA A 485 13.62 20.28 -3.64
CA ALA A 485 13.98 21.43 -4.48
C ALA A 485 14.04 21.04 -5.97
N SER A 486 14.75 19.94 -6.29
CA SER A 486 14.88 19.38 -7.65
C SER A 486 13.51 19.07 -8.26
N CYS A 487 12.62 18.48 -7.46
CA CYS A 487 11.29 18.09 -7.87
C CYS A 487 10.42 19.31 -8.20
N LEU A 488 10.55 20.41 -7.42
CA LEU A 488 9.78 21.65 -7.64
C LEU A 488 10.21 22.28 -8.96
N ARG A 489 11.53 22.34 -9.18
CA ARG A 489 12.19 22.84 -10.38
C ARG A 489 11.79 21.98 -11.59
N LYS A 490 11.78 20.65 -11.43
CA LYS A 490 11.38 19.67 -12.46
C LYS A 490 9.93 19.81 -12.91
N LEU A 491 8.99 19.88 -11.96
CA LEU A 491 7.54 19.94 -12.20
C LEU A 491 6.93 21.33 -12.38
N GLY A 492 7.67 22.37 -12.02
CA GLY A 492 7.20 23.75 -12.09
C GLY A 492 6.28 24.05 -10.92
N VAL A 493 6.73 23.73 -9.70
CA VAL A 493 5.96 23.96 -8.47
C VAL A 493 6.52 25.28 -7.88
N PRO A 494 5.61 26.21 -7.44
CA PRO A 494 6.07 27.48 -6.85
C PRO A 494 7.04 27.32 -5.67
N PRO A 495 7.88 28.35 -5.36
CA PRO A 495 8.85 28.18 -4.28
C PRO A 495 8.21 28.35 -2.90
N LEU A 496 9.00 28.15 -1.84
CA LEU A 496 8.60 28.28 -0.44
C LEU A 496 7.82 29.55 -0.15
N ARG A 497 8.26 30.72 -0.69
CA ARG A 497 7.64 32.00 -0.38
C ARG A 497 6.22 32.13 -0.90
N VAL A 498 5.89 31.52 -2.04
CA VAL A 498 4.52 31.51 -2.58
C VAL A 498 3.63 30.63 -1.68
N TRP A 499 4.20 29.54 -1.15
CA TRP A 499 3.48 28.61 -0.27
C TRP A 499 3.26 29.15 1.14
N ARG A 500 4.18 29.98 1.66
CA ARG A 500 4.07 30.61 2.97
C ARG A 500 2.99 31.70 2.95
N HIS A 501 2.83 32.42 1.82
CA HIS A 501 1.76 33.42 1.70
C HIS A 501 0.45 32.68 1.60
N ARG A 502 0.38 31.66 0.72
CA ARG A 502 -0.84 30.85 0.58
C ARG A 502 -1.24 30.25 1.94
N ALA A 503 -0.25 29.73 2.73
CA ALA A 503 -0.45 29.13 4.06
C ALA A 503 -0.90 30.14 5.11
N ARG A 504 -0.26 31.33 5.18
CA ARG A 504 -0.66 32.39 6.12
C ARG A 504 -2.11 32.83 5.91
N SER A 505 -2.47 33.02 4.64
CA SER A 505 -3.79 33.38 4.19
C SER A 505 -4.84 32.35 4.59
N VAL A 506 -4.54 31.04 4.38
CA VAL A 506 -5.38 29.86 4.69
C VAL A 506 -5.50 29.75 6.20
N ARG A 507 -4.40 29.96 6.93
CA ARG A 507 -4.37 29.96 8.39
C ARG A 507 -5.28 31.03 9.02
N ALA A 508 -5.22 32.27 8.50
CA ALA A 508 -6.02 33.40 9.00
C ALA A 508 -7.49 33.07 8.79
N ARG A 509 -7.83 32.63 7.53
CA ARG A 509 -9.17 32.25 7.06
C ARG A 509 -9.74 31.10 7.89
N LEU A 510 -8.88 30.10 8.25
CA LEU A 510 -9.29 28.97 9.10
C LEU A 510 -9.59 29.40 10.55
N LEU A 511 -8.69 30.18 11.18
CA LEU A 511 -8.81 30.72 12.54
C LEU A 511 -10.07 31.57 12.73
N SER A 512 -10.45 32.34 11.71
CA SER A 512 -11.68 33.15 11.75
C SER A 512 -12.94 32.29 11.83
N GLN A 513 -12.85 31.00 11.47
CA GLN A 513 -13.98 30.05 11.46
C GLN A 513 -14.20 29.26 12.75
N GLY A 514 -13.29 29.39 13.71
CA GLY A 514 -13.36 28.67 14.98
C GLY A 514 -13.27 27.16 14.80
N GLY A 515 -13.67 26.42 15.82
CA GLY A 515 -13.73 24.96 15.86
C GLY A 515 -12.53 24.16 15.40
N ARG A 516 -12.82 23.07 14.66
CA ARG A 516 -11.83 22.17 14.08
C ARG A 516 -11.02 22.91 13.01
N ALA A 517 -11.63 23.91 12.34
CA ALA A 517 -10.99 24.77 11.35
C ALA A 517 -9.85 25.57 12.00
N ALA A 518 -10.14 26.25 13.13
CA ALA A 518 -9.14 27.02 13.88
C ALA A 518 -7.98 26.13 14.36
N THR A 519 -8.25 24.82 14.66
CA THR A 519 -7.23 23.85 15.08
C THR A 519 -6.31 23.53 13.89
N CYS A 520 -6.89 23.38 12.69
CA CYS A 520 -6.13 23.17 11.47
C CYS A 520 -5.19 24.34 11.22
N GLY A 521 -5.69 25.58 11.35
CA GLY A 521 -4.93 26.81 11.17
C GLY A 521 -3.75 26.90 12.10
N LYS A 522 -4.02 26.77 13.41
CA LYS A 522 -3.06 26.81 14.52
C LYS A 522 -1.95 25.75 14.41
N TYR A 523 -2.32 24.49 14.19
CA TYR A 523 -1.45 23.33 14.15
C TYR A 523 -0.77 23.11 12.83
N LEU A 524 -1.53 22.82 11.77
CA LEU A 524 -0.98 22.50 10.45
C LEU A 524 -0.05 23.56 9.88
N PHE A 525 -0.44 24.84 9.98
CA PHE A 525 0.31 25.94 9.37
C PHE A 525 1.12 26.81 10.37
N ASN A 526 1.54 26.23 11.51
CA ASN A 526 2.38 26.97 12.46
C ASN A 526 3.76 27.34 11.84
N TRP A 527 4.22 26.57 10.86
CA TRP A 527 5.49 26.76 10.12
C TRP A 527 5.50 28.04 9.26
N ALA A 528 4.30 28.59 8.94
CA ALA A 528 4.08 29.74 8.06
C ALA A 528 4.34 31.04 8.72
N VAL A 529 4.01 31.16 10.03
CA VAL A 529 4.13 32.40 10.79
C VAL A 529 5.55 32.69 11.24
N LYS A 530 5.91 33.99 11.32
CA LYS A 530 7.22 34.51 11.71
C LYS A 530 7.77 33.82 12.96
N THR A 531 7.07 33.90 14.08
CA THR A 531 7.43 33.26 15.34
C THR A 531 6.29 32.30 15.75
N LYS A 532 6.62 31.03 15.70
CA LYS A 532 5.77 29.89 15.98
C LYS A 532 5.14 29.94 17.36
N LEU A 533 3.85 29.58 17.42
CA LEU A 533 3.13 29.56 18.68
C LEU A 533 3.54 28.30 19.43
N LYS A 534 3.45 28.33 20.78
CA LYS A 534 3.71 27.14 21.58
C LYS A 534 2.51 26.20 21.35
N LEU A 535 2.78 24.90 21.12
CA LEU A 535 1.75 23.87 20.89
C LEU A 535 1.92 22.81 21.96
N PHE A 536 0.81 22.33 22.52
CA PHE A 536 0.81 21.36 23.60
C PHE A 536 0.08 20.09 23.18
N GLN A 537 0.53 18.95 23.70
CA GLN A 537 -0.06 17.66 23.35
C GLN A 537 -1.27 17.34 24.22
N GLY A 538 -2.10 16.43 23.69
CA GLY A 538 -3.31 15.94 24.35
C GLY A 538 -4.43 15.68 23.36
N PRO A 539 -5.59 15.16 23.83
CA PRO A 539 -6.69 14.86 22.89
C PRO A 539 -7.51 16.07 22.41
N ALA A 540 -8.32 15.84 21.34
CA ALA A 540 -9.25 16.82 20.80
C ALA A 540 -10.64 16.57 21.42
N ALA A 541 -11.57 17.56 21.29
CA ALA A 541 -12.94 17.52 21.80
C ALA A 541 -13.72 16.22 21.47
N SER A 542 -13.38 15.56 20.33
CA SER A 542 -13.97 14.31 19.88
C SER A 542 -12.88 13.45 19.23
N GLN A 543 -12.38 12.48 20.00
CA GLN A 543 -11.30 11.55 19.64
C GLN A 543 -11.79 10.32 18.80
N LEU A 544 -11.26 10.20 17.53
CA LEU A 544 -11.56 9.13 16.56
C LEU A 544 -10.98 7.80 17.05
N ASP A 545 -11.49 6.67 16.51
CA ASP A 545 -10.97 5.34 16.83
C ASP A 545 -9.97 5.01 15.70
N LEU A 546 -8.64 5.20 15.97
CA LEU A 546 -7.55 4.96 15.01
C LEU A 546 -6.78 3.63 15.27
N SER A 547 -7.42 2.65 15.95
CA SER A 547 -6.82 1.35 16.30
C SER A 547 -6.80 0.36 15.13
N GLY A 548 -7.83 0.37 14.29
CA GLY A 548 -7.96 -0.49 13.12
C GLY A 548 -6.94 -0.18 12.03
N TRP A 549 -6.43 1.06 12.03
CA TRP A 549 -5.38 1.56 11.14
C TRP A 549 -4.09 0.89 11.65
N PHE A 550 -3.22 0.48 10.71
CA PHE A 550 -1.90 -0.15 10.96
C PHE A 550 -2.04 -1.45 11.78
N VAL A 551 -2.81 -2.38 11.24
CA VAL A 551 -3.06 -3.71 11.78
C VAL A 551 -2.59 -4.69 10.71
N ALA A 552 -3.05 -4.48 9.46
CA ALA A 552 -2.75 -5.29 8.29
C ALA A 552 -2.81 -4.49 6.95
N GLY A 553 -2.20 -5.08 5.92
CA GLY A 553 -2.21 -4.58 4.55
C GLY A 553 -3.31 -5.27 3.78
N TYR A 554 -4.02 -4.51 2.92
CA TYR A 554 -5.19 -4.97 2.13
C TYR A 554 -5.18 -4.49 0.68
N SER A 555 -4.00 -4.17 0.10
CA SER A 555 -3.85 -3.72 -1.31
C SER A 555 -4.36 -4.78 -2.25
N GLY A 556 -5.43 -4.43 -2.98
CA GLY A 556 -6.14 -5.30 -3.93
C GLY A 556 -7.29 -6.08 -3.30
N GLY A 557 -7.34 -6.07 -1.97
CA GLY A 557 -8.33 -6.78 -1.18
C GLY A 557 -9.77 -6.32 -1.27
N ASP A 558 -10.02 -5.08 -1.78
CA ASP A 558 -11.38 -4.49 -1.89
C ASP A 558 -11.98 -4.34 -0.46
N ILE A 559 -11.21 -3.69 0.45
CA ILE A 559 -11.59 -3.49 1.86
C ILE A 559 -11.95 -2.04 2.12
N TYR A 560 -13.02 -1.83 2.91
CA TYR A 560 -13.55 -0.53 3.32
C TYR A 560 -13.75 -0.52 4.83
N HIS A 561 -13.08 0.41 5.52
CA HIS A 561 -13.17 0.55 6.96
C HIS A 561 -13.91 1.83 7.38
N SER A 562 -14.73 1.72 8.44
CA SER A 562 -15.53 2.80 8.99
C SER A 562 -14.87 3.39 10.27
N LEU A 563 -15.13 4.69 10.55
CA LEU A 563 -14.55 5.37 11.71
C LEU A 563 -15.55 5.73 12.81
N SER A 564 -15.28 5.24 14.04
CA SER A 564 -16.04 5.48 15.28
C SER A 564 -15.48 6.74 15.97
N ARG A 565 -16.20 7.31 16.98
CA ARG A 565 -15.79 8.55 17.64
C ARG A 565 -16.26 8.77 19.08
N ALA A 566 -17.59 8.58 19.35
CA ALA A 566 -18.33 8.80 20.62
C ALA A 566 -18.46 10.30 21.02
C1 33J B . 13.98 23.78 6.98
C2 33J B . 13.33 24.22 5.71
C3 33J B . 12.76 24.45 3.23
O1 33J B . 14.93 22.83 6.83
O2 33J B . 13.63 24.19 8.09
O3 33J B . 11.73 27.94 6.06
C11 33J B . 8.73 23.17 7.40
C12 33J B . 7.77 22.21 6.71
C13 33J B . 6.65 22.99 5.98
C14 33J B . 7.23 23.89 4.88
C15 33J B . 8.36 24.80 5.41
C16 33J B . 12.66 24.36 1.77
C17 33J B . 13.65 23.71 0.97
C18 33J B . 13.52 23.67 -0.44
C19 33J B . 12.37 24.22 -1.06
C20 33J B . 11.38 24.86 -0.29
C21 33J B . 11.51 24.90 1.11
S1 33J B . 13.99 23.64 4.18
C4 33J B . 11.93 25.15 4.05
C5 33J B . 12.23 25.02 5.45
N1 33J B . 11.38 25.72 6.37
C6 33J B . 11.52 26.97 6.78
C7 33J B . 11.21 26.98 8.28
C8 33J B . 10.43 25.66 8.46
C9 33J B . 10.11 25.36 6.99
C10 33J B . 9.39 24.14 6.38
#